data_1CRL
#
_entry.id   1CRL
#
_cell.length_a   64.900
_cell.length_b   97.500
_cell.length_c   175.600
_cell.angle_alpha   90.00
_cell.angle_beta   90.00
_cell.angle_gamma   90.00
#
_symmetry.space_group_name_H-M   'C 2 2 21'
#
loop_
_entity.id
_entity.type
_entity.pdbx_description
1 polymer LIPASE
2 branched 2-acetamido-2-deoxy-beta-D-glucopyranose-(1-4)-2-acetamido-2-deoxy-beta-D-glucopyranose
3 non-polymer 2-acetamido-2-deoxy-beta-D-glucopyranose
4 water water
#
_entity_poly.entity_id   1
_entity_poly.type   'polypeptide(L)'
_entity_poly.pdbx_seq_one_letter_code
;APTATLANGDTITGLNAIINEAFLGIPFAEPPVGNLRFKDPVPYSGSLDGQKFTSYGPSCMQQNPEGTYEENLPKAALDL
VMQSKVFEAVSPSSEDCLTINVVRPPGTKAGANLPVMLWIFGGGFEVGGTSTFPPAQMITKSIAMGKPIIHVSVNYRVSS
WGFLAGDEIKAEGSANAGLKDQRLGMQWVADNIAAFGGDPTKVTIFGESAGSMSVMCHILWNDGDNTYKGKPLFRAGIMQ
SGAMVPSDAVDGIYGNEIFDLLASNAGCGSASDKLACLRGVSSDTLEDATNNTPGFLAYSSLRLSYLPRPDGVNITDDMY
ALVREGKYANIPVIIGDQNDEGTFFGTSSLNVTTDAQAREYFKQSFVHASDAEIDTLMTAYPGDITQGSPFDTGILNALT
PQFKRISAVLGDLGFTLARRYFLNHYTGGTKYSFLSKQLSGLPVLGTFHSNDIVFQDYLLGSGSLIYNNAFIAFATDLDP
NTAGLLVKWPEYTSSSQSGNNLMMINALGLYTGKDNFRTAGYDALFSNPPSFFV
;
_entity_poly.pdbx_strand_id   A
#
loop_
_chem_comp.id
_chem_comp.type
_chem_comp.name
_chem_comp.formula
NAG D-saccharide, beta linking 2-acetamido-2-deoxy-beta-D-glucopyranose 'C8 H15 N O6'
#
# COMPACT_ATOMS: atom_id res chain seq x y z
N ALA A 1 27.63 7.97 -15.70
CA ALA A 1 28.63 7.01 -16.09
C ALA A 1 27.89 5.70 -16.32
N PRO A 2 27.00 5.11 -15.47
CA PRO A 2 25.91 4.21 -15.90
C PRO A 2 25.10 4.88 -17.00
N THR A 3 24.80 4.18 -18.07
CA THR A 3 24.10 4.73 -19.22
C THR A 3 23.00 3.77 -19.66
N ALA A 4 21.94 4.21 -20.32
CA ALA A 4 20.92 3.31 -20.82
C ALA A 4 20.35 3.98 -22.05
N THR A 5 20.08 3.30 -23.16
CA THR A 5 19.39 3.92 -24.29
C THR A 5 17.94 3.44 -24.33
N LEU A 6 17.00 4.32 -23.98
CA LEU A 6 15.59 4.00 -23.81
C LEU A 6 14.93 3.63 -25.11
N ALA A 7 13.67 3.16 -25.05
CA ALA A 7 12.96 2.67 -26.23
C ALA A 7 12.90 3.72 -27.35
N ASN A 8 12.66 4.98 -27.02
CA ASN A 8 12.64 6.01 -28.04
C ASN A 8 14.03 6.49 -28.50
N GLY A 9 15.06 5.83 -28.04
CA GLY A 9 16.43 6.16 -28.47
C GLY A 9 17.10 7.26 -27.64
N ASP A 10 16.48 7.69 -26.56
CA ASP A 10 17.14 8.68 -25.69
C ASP A 10 18.14 7.91 -24.84
N THR A 11 19.30 8.49 -24.71
CA THR A 11 20.35 7.91 -23.89
C THR A 11 20.49 8.75 -22.64
N ILE A 12 20.32 8.10 -21.51
CA ILE A 12 20.40 8.79 -20.22
C ILE A 12 21.58 8.24 -19.42
N THR A 13 21.99 9.05 -18.46
CA THR A 13 23.14 8.77 -17.60
C THR A 13 22.65 8.63 -16.14
N GLY A 14 23.02 7.57 -15.42
CA GLY A 14 22.67 7.37 -14.04
C GLY A 14 23.88 7.61 -13.19
N LEU A 15 23.78 7.19 -11.94
CA LEU A 15 24.80 7.36 -10.93
C LEU A 15 25.43 6.03 -10.59
N ASN A 16 26.73 5.97 -10.38
CA ASN A 16 27.34 4.73 -9.94
C ASN A 16 27.48 4.94 -8.44
N ALA A 17 26.68 4.26 -7.62
CA ALA A 17 26.73 4.41 -6.18
C ALA A 17 27.56 3.30 -5.51
N ILE A 18 28.59 2.89 -6.25
CA ILE A 18 29.55 1.82 -6.03
C ILE A 18 28.95 0.46 -5.70
N ILE A 19 28.10 0.27 -4.68
CA ILE A 19 27.51 -1.03 -4.50
C ILE A 19 26.35 -1.32 -5.46
N ASN A 20 25.93 -0.37 -6.29
CA ASN A 20 24.87 -0.55 -7.26
C ASN A 20 24.88 0.63 -8.24
N GLU A 21 24.11 0.59 -9.33
CA GLU A 21 23.97 1.68 -10.32
C GLU A 21 22.53 2.17 -10.28
N ALA A 22 22.31 3.44 -10.07
CA ALA A 22 20.99 3.97 -9.89
C ALA A 22 20.64 4.91 -11.03
N PHE A 23 19.39 4.96 -11.50
CA PHE A 23 18.89 5.96 -12.45
C PHE A 23 17.65 6.48 -11.70
N LEU A 24 17.75 7.65 -11.08
CA LEU A 24 16.72 8.15 -10.19
C LEU A 24 16.02 9.38 -10.73
N GLY A 25 14.73 9.52 -10.46
CA GLY A 25 13.94 10.64 -10.92
C GLY A 25 13.57 10.64 -12.40
N ILE A 26 13.48 9.54 -13.12
CA ILE A 26 13.11 9.56 -14.54
C ILE A 26 11.61 9.90 -14.71
N PRO A 27 11.20 10.97 -15.40
CA PRO A 27 9.81 11.39 -15.55
C PRO A 27 9.03 10.36 -16.36
N PHE A 28 7.89 9.83 -15.92
CA PHE A 28 7.23 8.90 -16.81
C PHE A 28 5.91 9.41 -17.33
N ALA A 29 5.52 10.56 -16.80
CA ALA A 29 4.25 11.12 -17.17
C ALA A 29 4.36 12.63 -17.22
N GLU A 30 3.51 13.29 -17.99
CA GLU A 30 3.40 14.74 -17.94
C GLU A 30 2.95 15.21 -16.54
N PRO A 31 3.48 16.29 -15.98
CA PRO A 31 3.08 16.85 -14.68
C PRO A 31 1.58 17.06 -14.53
N PRO A 32 0.91 16.44 -13.55
CA PRO A 32 -0.54 16.49 -13.40
C PRO A 32 -1.02 17.74 -12.69
N VAL A 33 -0.59 18.86 -13.23
CA VAL A 33 -0.83 20.14 -12.61
C VAL A 33 -1.87 20.92 -13.40
N GLY A 34 -2.42 22.01 -12.84
CA GLY A 34 -3.46 22.83 -13.47
C GLY A 34 -4.68 21.99 -13.80
N ASN A 35 -5.12 22.07 -15.05
CA ASN A 35 -6.28 21.30 -15.48
C ASN A 35 -6.02 19.79 -15.58
N LEU A 36 -4.78 19.30 -15.48
CA LEU A 36 -4.55 17.88 -15.45
C LEU A 36 -4.71 17.26 -14.09
N ARG A 37 -4.95 18.12 -13.08
CA ARG A 37 -5.22 17.67 -11.73
C ARG A 37 -6.39 16.68 -11.69
N PHE A 38 -6.27 15.65 -10.87
CA PHE A 38 -7.21 14.58 -10.57
C PHE A 38 -7.48 13.73 -11.80
N LYS A 39 -6.88 14.06 -12.94
CA LYS A 39 -7.06 13.39 -14.19
C LYS A 39 -6.05 12.25 -14.39
N ASP A 40 -6.42 11.29 -15.22
CA ASP A 40 -5.55 10.20 -15.64
C ASP A 40 -4.17 10.70 -16.03
N PRO A 41 -3.06 10.02 -15.74
CA PRO A 41 -1.75 10.49 -16.14
C PRO A 41 -1.60 10.43 -17.66
N VAL A 42 -0.76 11.30 -18.21
CA VAL A 42 -0.56 11.43 -19.63
C VAL A 42 0.85 10.94 -19.79
N PRO A 43 1.19 10.04 -20.73
CA PRO A 43 2.55 9.63 -21.02
C PRO A 43 3.45 10.84 -21.19
N TYR A 44 4.69 10.70 -20.76
CA TYR A 44 5.65 11.77 -20.92
C TYR A 44 6.07 11.80 -22.36
N SER A 45 5.73 12.88 -23.03
CA SER A 45 6.10 13.09 -24.42
C SER A 45 7.10 14.24 -24.41
N GLY A 46 8.38 13.89 -24.27
CA GLY A 46 9.45 14.89 -24.25
C GLY A 46 10.78 14.17 -24.42
N SER A 47 11.91 14.87 -24.45
CA SER A 47 13.15 14.16 -24.60
C SER A 47 13.96 14.27 -23.33
N LEU A 48 14.65 13.15 -23.11
CA LEU A 48 15.52 12.87 -21.98
C LEU A 48 16.95 12.58 -22.42
N ASP A 49 17.15 12.75 -23.72
CA ASP A 49 18.42 12.50 -24.33
C ASP A 49 19.45 13.43 -23.75
N GLY A 50 20.49 12.70 -23.37
CA GLY A 50 21.66 13.34 -22.83
C GLY A 50 21.42 13.80 -21.41
N GLN A 51 20.32 13.42 -20.72
CA GLN A 51 20.16 13.89 -19.36
C GLN A 51 20.65 12.87 -18.35
N LYS A 52 21.01 13.40 -17.19
CA LYS A 52 21.49 12.60 -16.08
C LYS A 52 20.38 12.48 -15.04
N PHE A 53 20.30 11.32 -14.41
CA PHE A 53 19.28 11.00 -13.45
C PHE A 53 20.01 10.41 -12.26
N THR A 54 20.46 11.32 -11.40
CA THR A 54 21.30 10.96 -10.29
C THR A 54 20.72 11.27 -8.92
N SER A 55 19.46 11.73 -8.78
CA SER A 55 18.82 11.90 -7.47
C SER A 55 17.31 11.68 -7.58
N TYR A 56 16.66 11.46 -6.46
CA TYR A 56 15.23 11.27 -6.42
C TYR A 56 14.59 12.62 -6.62
N GLY A 57 13.54 12.66 -7.44
CA GLY A 57 12.78 13.89 -7.59
C GLY A 57 11.89 14.07 -6.37
N PRO A 58 11.05 15.13 -6.24
CA PRO A 58 10.15 15.32 -5.12
C PRO A 58 9.11 14.23 -5.04
N SER A 59 8.64 13.97 -3.83
CA SER A 59 7.49 13.11 -3.63
C SER A 59 6.26 13.86 -4.14
N CYS A 60 5.13 13.17 -4.30
CA CYS A 60 3.87 13.86 -4.57
C CYS A 60 3.43 14.59 -3.29
N MET A 61 2.48 15.52 -3.35
CA MET A 61 2.09 16.27 -2.17
C MET A 61 1.59 15.29 -1.14
N GLN A 62 1.79 15.63 0.12
CA GLN A 62 1.56 14.74 1.24
C GLN A 62 0.45 15.27 2.11
N GLN A 63 -0.46 14.45 2.62
CA GLN A 63 -1.44 14.98 3.56
C GLN A 63 -0.88 14.81 4.97
N ASN A 64 -1.15 15.76 5.86
CA ASN A 64 -0.82 15.71 7.28
C ASN A 64 -1.55 14.48 7.81
N PRO A 65 -0.94 13.39 8.31
CA PRO A 65 -1.69 12.27 8.87
C PRO A 65 -2.55 12.60 10.06
N GLU A 66 -2.33 13.70 10.75
CA GLU A 66 -3.19 14.16 11.81
C GLU A 66 -4.15 15.22 11.28
N GLY A 67 -4.33 15.36 9.97
CA GLY A 67 -5.19 16.38 9.43
C GLY A 67 -6.63 16.08 9.81
N THR A 68 -7.42 17.11 9.99
CA THR A 68 -8.81 16.98 10.33
C THR A 68 -9.42 18.38 10.23
N TYR A 69 -10.74 18.47 10.20
CA TYR A 69 -11.38 19.77 10.18
C TYR A 69 -11.42 20.38 11.60
N GLU A 70 -11.12 19.56 12.60
CA GLU A 70 -11.08 20.03 13.98
C GLU A 70 -9.70 20.61 14.20
N GLU A 71 -9.48 21.46 15.19
CA GLU A 71 -8.12 21.91 15.45
C GLU A 71 -7.65 21.19 16.70
N ASN A 72 -6.38 20.75 16.74
CA ASN A 72 -5.85 20.06 17.90
C ASN A 72 -4.33 20.09 17.89
N LEU A 73 -3.67 19.76 19.01
CA LEU A 73 -2.22 19.87 19.08
C LEU A 73 -1.53 18.94 18.12
N PRO A 74 -1.80 17.64 17.96
CA PRO A 74 -1.15 16.78 16.95
C PRO A 74 -1.19 17.31 15.51
N LYS A 75 -2.30 17.93 15.13
CA LYS A 75 -2.49 18.48 13.80
C LYS A 75 -1.52 19.64 13.66
N ALA A 76 -1.60 20.55 14.63
CA ALA A 76 -0.77 21.75 14.70
C ALA A 76 0.71 21.47 14.68
N ALA A 77 1.07 20.42 15.38
CA ALA A 77 2.44 20.06 15.53
C ALA A 77 3.00 19.51 14.24
N LEU A 78 2.25 18.62 13.57
CA LEU A 78 2.74 18.00 12.36
C LEU A 78 2.79 19.04 11.26
N ASP A 79 1.86 19.99 11.22
CA ASP A 79 1.97 21.09 10.26
C ASP A 79 3.22 21.92 10.44
N LEU A 80 3.54 22.24 11.70
CA LEU A 80 4.72 23.00 12.12
C LEU A 80 5.95 22.38 11.46
N VAL A 81 6.08 21.07 11.63
CA VAL A 81 7.16 20.25 11.08
C VAL A 81 7.09 20.19 9.56
N MET A 82 5.95 19.81 9.00
CA MET A 82 5.82 19.65 7.56
C MET A 82 6.02 20.92 6.76
N GLN A 83 5.75 22.10 7.28
CA GLN A 83 5.96 23.26 6.47
C GLN A 83 7.25 23.98 6.81
N SER A 84 8.09 23.33 7.60
CA SER A 84 9.35 23.92 7.96
C SER A 84 10.27 23.80 6.77
N LYS A 85 11.10 24.82 6.58
CA LYS A 85 12.03 24.84 5.46
C LYS A 85 13.09 23.76 5.54
N VAL A 86 13.33 23.19 6.72
CA VAL A 86 14.27 22.09 6.84
C VAL A 86 13.61 20.82 6.33
N PHE A 87 12.33 20.65 6.69
CA PHE A 87 11.57 19.52 6.22
C PHE A 87 11.42 19.64 4.71
N GLU A 88 11.04 20.79 4.18
CA GLU A 88 10.96 21.04 2.76
C GLU A 88 12.29 20.69 2.09
N ALA A 89 13.43 20.99 2.72
CA ALA A 89 14.74 20.68 2.15
C ALA A 89 15.05 19.20 2.09
N VAL A 90 14.80 18.49 3.17
CA VAL A 90 15.10 17.07 3.25
C VAL A 90 14.05 16.19 2.60
N SER A 91 12.80 16.64 2.55
CA SER A 91 11.72 15.87 1.99
C SER A 91 10.88 16.74 1.04
N PRO A 92 11.37 17.13 -0.15
CA PRO A 92 10.63 17.97 -1.07
C PRO A 92 9.47 17.19 -1.67
N SER A 93 8.35 17.86 -1.86
CA SER A 93 7.19 17.25 -2.44
C SER A 93 6.71 18.23 -3.50
N SER A 94 5.91 17.81 -4.48
CA SER A 94 5.46 18.71 -5.51
C SER A 94 4.30 18.00 -6.16
N GLU A 95 3.41 18.71 -6.84
CA GLU A 95 2.40 18.06 -7.67
C GLU A 95 3.09 17.48 -8.91
N ASP A 96 4.23 18.05 -9.34
CA ASP A 96 4.99 17.43 -10.40
C ASP A 96 5.94 16.43 -9.71
N CYS A 97 5.49 15.19 -9.67
CA CYS A 97 6.15 14.17 -8.87
C CYS A 97 6.15 12.80 -9.50
N LEU A 98 5.63 12.63 -10.73
CA LEU A 98 5.52 11.30 -11.27
C LEU A 98 6.81 10.86 -11.96
N THR A 99 7.76 10.42 -11.13
CA THR A 99 9.01 9.89 -11.65
C THR A 99 9.17 8.42 -11.29
N ILE A 100 10.09 7.73 -11.96
CA ILE A 100 10.36 6.32 -11.73
C ILE A 100 11.88 6.16 -11.46
N ASN A 101 12.29 5.17 -10.66
CA ASN A 101 13.67 4.94 -10.25
C ASN A 101 14.14 3.55 -10.61
N VAL A 102 15.25 3.36 -11.32
CA VAL A 102 15.75 2.05 -11.69
C VAL A 102 17.13 1.85 -11.02
N VAL A 103 17.29 0.85 -10.16
CA VAL A 103 18.55 0.60 -9.48
C VAL A 103 18.92 -0.84 -9.77
N ARG A 104 20.17 -1.12 -10.07
CA ARG A 104 20.57 -2.44 -10.51
C ARG A 104 21.92 -2.83 -9.90
N PRO A 105 22.34 -4.11 -9.95
CA PRO A 105 23.71 -4.53 -9.71
C PRO A 105 24.80 -3.83 -10.51
N PRO A 106 25.97 -3.56 -9.92
CA PRO A 106 27.06 -2.95 -10.63
C PRO A 106 27.37 -3.87 -11.79
N GLY A 107 27.57 -3.29 -12.96
CA GLY A 107 27.97 -4.08 -14.08
C GLY A 107 26.80 -4.56 -14.86
N THR A 108 25.54 -4.34 -14.48
CA THR A 108 24.47 -4.82 -15.31
C THR A 108 24.44 -4.08 -16.64
N LYS A 109 24.10 -4.83 -17.67
CA LYS A 109 24.03 -4.30 -19.00
C LYS A 109 22.72 -4.64 -19.62
N ALA A 110 22.40 -3.89 -20.66
CA ALA A 110 21.24 -4.15 -21.48
C ALA A 110 21.31 -5.59 -21.91
N GLY A 111 20.18 -6.30 -21.96
CA GLY A 111 20.23 -7.68 -22.39
C GLY A 111 20.48 -8.66 -21.25
N ALA A 112 20.91 -8.27 -20.04
CA ALA A 112 21.10 -9.20 -18.94
C ALA A 112 19.88 -10.04 -18.60
N ASN A 113 18.66 -9.50 -18.74
CA ASN A 113 17.38 -10.15 -18.46
C ASN A 113 17.19 -10.66 -17.02
N LEU A 114 17.56 -9.76 -16.12
CA LEU A 114 17.40 -9.97 -14.69
C LEU A 114 15.93 -9.85 -14.36
N PRO A 115 15.41 -10.59 -13.38
CA PRO A 115 14.09 -10.34 -12.79
C PRO A 115 13.98 -8.92 -12.24
N VAL A 116 12.78 -8.39 -12.25
CA VAL A 116 12.52 -7.02 -11.81
C VAL A 116 11.51 -7.05 -10.66
N MET A 117 11.87 -6.40 -9.58
CA MET A 117 10.95 -6.28 -8.47
C MET A 117 10.53 -4.82 -8.51
N LEU A 118 9.25 -4.59 -8.77
CA LEU A 118 8.70 -3.24 -8.87
C LEU A 118 8.02 -2.91 -7.53
N TRP A 119 8.50 -1.88 -6.82
CA TRP A 119 8.04 -1.50 -5.49
C TRP A 119 6.99 -0.38 -5.54
N ILE A 120 5.89 -0.60 -4.78
CA ILE A 120 4.78 0.37 -4.65
C ILE A 120 4.73 0.69 -3.17
N PHE A 121 5.17 1.88 -2.79
CA PHE A 121 5.19 2.24 -1.37
C PHE A 121 3.78 2.40 -0.80
N GLY A 122 3.52 2.27 0.48
CA GLY A 122 2.20 2.56 0.98
C GLY A 122 2.26 3.53 2.11
N GLY A 123 1.36 4.50 2.21
CA GLY A 123 1.26 5.41 3.35
C GLY A 123 -0.19 5.82 3.61
N GLY A 124 -1.09 4.85 3.89
CA GLY A 124 -2.51 5.06 4.13
C GLY A 124 -3.19 5.82 3.00
N PHE A 125 -2.69 5.67 1.75
CA PHE A 125 -3.11 6.36 0.50
C PHE A 125 -3.14 7.89 0.59
N GLU A 126 -2.32 8.44 1.51
CA GLU A 126 -2.28 9.85 1.87
C GLU A 126 -0.89 10.46 2.04
N VAL A 127 0.15 9.66 2.30
CA VAL A 127 1.54 10.12 2.31
C VAL A 127 2.39 9.06 1.58
N GLY A 128 3.65 9.41 1.38
CA GLY A 128 4.66 8.53 0.86
C GLY A 128 5.38 9.02 -0.41
N GLY A 129 6.60 8.49 -0.56
CA GLY A 129 7.51 8.73 -1.67
C GLY A 129 8.43 7.51 -1.80
N THR A 130 9.13 7.40 -2.91
CA THR A 130 10.04 6.29 -3.22
C THR A 130 11.36 6.33 -2.44
N SER A 131 11.88 7.55 -2.22
CA SER A 131 13.19 7.77 -1.62
C SER A 131 13.44 7.18 -0.25
N THR A 132 12.36 6.91 0.49
CA THR A 132 12.49 6.40 1.84
C THR A 132 12.58 4.87 1.90
N PHE A 133 12.65 4.18 0.76
CA PHE A 133 12.72 2.73 0.81
C PHE A 133 13.99 2.41 0.09
N PRO A 134 15.17 2.44 0.72
CA PRO A 134 16.43 2.16 0.05
C PRO A 134 16.53 0.75 -0.50
N PRO A 135 16.84 0.55 -1.78
CA PRO A 135 16.98 -0.76 -2.43
C PRO A 135 18.28 -1.51 -2.21
N ALA A 136 19.31 -0.88 -1.67
CA ALA A 136 20.64 -1.44 -1.52
C ALA A 136 20.65 -2.77 -0.81
N GLN A 137 19.96 -2.89 0.32
CA GLN A 137 19.94 -4.10 1.10
C GLN A 137 19.35 -5.21 0.27
N MET A 138 18.29 -4.99 -0.53
CA MET A 138 17.71 -6.05 -1.35
C MET A 138 18.67 -6.44 -2.48
N ILE A 139 19.26 -5.45 -3.16
CA ILE A 139 20.14 -5.72 -4.29
C ILE A 139 21.39 -6.46 -3.83
N THR A 140 22.04 -6.04 -2.75
CA THR A 140 23.22 -6.72 -2.26
C THR A 140 22.90 -8.18 -1.90
N LYS A 141 21.82 -8.43 -1.14
CA LYS A 141 21.49 -9.78 -0.81
C LYS A 141 21.19 -10.55 -2.09
N SER A 142 20.60 -9.95 -3.11
CA SER A 142 20.31 -10.75 -4.28
C SER A 142 21.58 -11.19 -5.02
N ILE A 143 22.62 -10.34 -5.09
CA ILE A 143 23.90 -10.65 -5.72
C ILE A 143 24.55 -11.78 -4.95
N ALA A 144 24.62 -11.67 -3.62
CA ALA A 144 25.24 -12.68 -2.80
C ALA A 144 24.53 -14.01 -2.91
N MET A 145 23.22 -13.98 -3.20
CA MET A 145 22.46 -15.19 -3.40
C MET A 145 22.67 -15.79 -4.77
N GLY A 146 23.28 -15.10 -5.72
CA GLY A 146 23.38 -15.64 -7.04
C GLY A 146 22.07 -15.45 -7.78
N LYS A 147 21.23 -14.56 -7.26
CA LYS A 147 19.94 -14.35 -7.87
C LYS A 147 19.78 -12.83 -7.96
N PRO A 148 20.54 -12.08 -8.76
CA PRO A 148 20.47 -10.63 -8.79
C PRO A 148 19.18 -10.14 -9.45
N ILE A 149 18.64 -9.04 -8.95
CA ILE A 149 17.38 -8.51 -9.43
C ILE A 149 17.59 -7.01 -9.68
N ILE A 150 16.77 -6.42 -10.54
CA ILE A 150 16.74 -4.99 -10.71
C ILE A 150 15.61 -4.45 -9.81
N HIS A 151 15.74 -3.34 -9.11
CA HIS A 151 14.69 -2.81 -8.26
C HIS A 151 14.17 -1.55 -8.93
N VAL A 152 12.85 -1.46 -9.10
CA VAL A 152 12.22 -0.29 -9.72
C VAL A 152 11.20 0.27 -8.73
N SER A 153 11.05 1.57 -8.54
CA SER A 153 10.04 2.08 -7.66
C SER A 153 9.38 3.22 -8.40
N VAL A 154 8.09 3.39 -8.17
CA VAL A 154 7.32 4.35 -8.93
C VAL A 154 6.59 5.32 -7.99
N ASN A 155 6.64 6.63 -8.24
CA ASN A 155 5.86 7.56 -7.39
C ASN A 155 4.44 7.56 -7.94
N TYR A 156 3.46 7.82 -7.08
CA TYR A 156 2.09 7.95 -7.54
C TYR A 156 1.46 9.04 -6.67
N ARG A 157 0.38 9.63 -7.14
CA ARG A 157 -0.30 10.70 -6.41
C ARG A 157 -1.03 10.10 -5.24
N VAL A 158 -0.91 10.72 -4.08
CA VAL A 158 -1.60 10.26 -2.87
C VAL A 158 -2.56 11.34 -2.37
N SER A 159 -3.46 10.97 -1.46
CA SER A 159 -4.43 11.85 -0.81
C SER A 159 -5.43 12.48 -1.81
N SER A 160 -5.93 13.71 -1.63
CA SER A 160 -6.87 14.31 -2.55
C SER A 160 -6.32 14.36 -3.97
N TRP A 161 -5.03 14.58 -4.14
CA TRP A 161 -4.40 14.64 -5.45
C TRP A 161 -4.60 13.38 -6.27
N GLY A 162 -4.58 12.27 -5.56
CA GLY A 162 -4.61 10.98 -6.24
C GLY A 162 -5.86 10.16 -6.09
N PHE A 163 -6.69 10.34 -5.07
CA PHE A 163 -7.86 9.50 -4.83
C PHE A 163 -9.11 10.31 -4.54
N LEU A 164 -9.33 11.45 -5.22
CA LEU A 164 -10.55 12.24 -5.01
C LEU A 164 -11.70 11.42 -5.60
N ALA A 165 -12.82 11.41 -4.91
CA ALA A 165 -13.96 10.65 -5.34
C ALA A 165 -15.17 11.58 -5.43
N GLY A 166 -16.35 10.93 -5.44
CA GLY A 166 -17.66 11.59 -5.51
C GLY A 166 -18.24 11.51 -6.92
N ASP A 167 -19.44 12.08 -7.01
CA ASP A 167 -20.16 12.18 -8.28
C ASP A 167 -19.49 12.85 -9.46
N GLU A 168 -18.80 13.96 -9.23
CA GLU A 168 -18.22 14.70 -10.33
C GLU A 168 -17.03 13.91 -10.84
N ILE A 169 -16.17 13.35 -9.98
CA ILE A 169 -15.06 12.48 -10.41
C ILE A 169 -15.57 11.28 -11.24
N LYS A 170 -16.62 10.61 -10.76
CA LYS A 170 -17.19 9.49 -11.46
C LYS A 170 -17.65 9.92 -12.83
N ALA A 171 -18.43 11.00 -12.93
CA ALA A 171 -18.94 11.48 -14.21
C ALA A 171 -17.84 11.79 -15.21
N GLU A 172 -16.71 12.35 -14.79
CA GLU A 172 -15.60 12.63 -15.69
C GLU A 172 -14.74 11.40 -15.98
N GLY A 173 -14.85 10.31 -15.22
CA GLY A 173 -14.07 9.11 -15.46
C GLY A 173 -12.66 9.27 -14.95
N SER A 174 -12.49 9.98 -13.85
CA SER A 174 -11.18 10.22 -13.28
C SER A 174 -10.92 9.54 -11.91
N ALA A 175 -11.63 8.46 -11.57
CA ALA A 175 -11.46 7.82 -10.28
C ALA A 175 -10.13 7.12 -10.18
N ASN A 176 -9.56 7.07 -8.99
CA ASN A 176 -8.35 6.31 -8.70
C ASN A 176 -7.19 6.75 -9.55
N ALA A 177 -6.93 8.08 -9.65
CA ALA A 177 -5.83 8.64 -10.42
C ALA A 177 -4.50 8.04 -9.98
N GLY A 178 -4.28 7.89 -8.67
CA GLY A 178 -3.06 7.34 -8.12
C GLY A 178 -2.74 5.92 -8.60
N LEU A 179 -3.75 5.05 -8.74
CA LEU A 179 -3.51 3.68 -9.22
C LEU A 179 -3.21 3.67 -10.74
N LYS A 180 -3.80 4.63 -11.45
CA LYS A 180 -3.54 4.81 -12.85
C LYS A 180 -2.11 5.26 -12.99
N ASP A 181 -1.56 6.14 -12.13
CA ASP A 181 -0.15 6.50 -12.19
C ASP A 181 0.69 5.25 -12.02
N GLN A 182 0.39 4.37 -11.06
CA GLN A 182 1.15 3.13 -10.90
C GLN A 182 0.99 2.27 -12.15
N ARG A 183 -0.17 2.20 -12.81
CA ARG A 183 -0.34 1.38 -14.01
C ARG A 183 0.52 1.91 -15.17
N LEU A 184 0.63 3.24 -15.29
CA LEU A 184 1.45 3.86 -16.31
C LEU A 184 2.93 3.59 -16.03
N GLY A 185 3.40 3.60 -14.78
CA GLY A 185 4.78 3.20 -14.49
C GLY A 185 5.08 1.75 -14.90
N MET A 186 4.13 0.84 -14.68
CA MET A 186 4.25 -0.56 -15.06
C MET A 186 4.37 -0.64 -16.57
N GLN A 187 3.58 0.16 -17.29
CA GLN A 187 3.68 0.19 -18.72
C GLN A 187 5.03 0.71 -19.18
N TRP A 188 5.62 1.68 -18.47
CA TRP A 188 6.93 2.19 -18.82
C TRP A 188 7.97 1.09 -18.60
N VAL A 189 7.85 0.30 -17.52
CA VAL A 189 8.76 -0.79 -17.24
C VAL A 189 8.64 -1.76 -18.40
N ALA A 190 7.45 -2.23 -18.78
CA ALA A 190 7.30 -3.14 -19.92
C ALA A 190 7.98 -2.61 -21.16
N ASP A 191 7.85 -1.31 -21.43
CA ASP A 191 8.51 -0.72 -22.59
C ASP A 191 9.99 -0.40 -22.47
N ASN A 192 10.59 -0.20 -21.29
CA ASN A 192 11.94 0.33 -21.22
C ASN A 192 12.91 -0.44 -20.37
N ILE A 193 12.51 -1.42 -19.56
CA ILE A 193 13.44 -1.98 -18.60
C ILE A 193 14.49 -2.86 -19.23
N ALA A 194 14.25 -3.45 -20.41
CA ALA A 194 15.26 -4.22 -21.09
C ALA A 194 16.52 -3.38 -21.34
N ALA A 195 16.38 -2.06 -21.57
CA ALA A 195 17.56 -1.21 -21.77
C ALA A 195 18.43 -1.03 -20.50
N PHE A 196 17.85 -1.34 -19.34
CA PHE A 196 18.54 -1.32 -18.06
C PHE A 196 19.04 -2.70 -17.71
N GLY A 197 18.68 -3.73 -18.43
CA GLY A 197 19.17 -5.04 -18.11
C GLY A 197 18.09 -5.91 -17.50
N GLY A 198 16.84 -5.46 -17.49
CA GLY A 198 15.80 -6.24 -16.84
C GLY A 198 14.97 -6.96 -17.85
N ASP A 199 14.33 -8.04 -17.48
CA ASP A 199 13.49 -8.78 -18.39
C ASP A 199 12.05 -8.35 -18.16
N PRO A 200 11.35 -7.73 -19.13
CA PRO A 200 9.97 -7.33 -18.99
C PRO A 200 9.02 -8.50 -18.74
N THR A 201 9.43 -9.75 -18.91
CA THR A 201 8.52 -10.86 -18.64
C THR A 201 8.71 -11.45 -17.24
N LYS A 202 9.60 -10.88 -16.44
CA LYS A 202 9.85 -11.40 -15.12
C LYS A 202 9.67 -10.27 -14.11
N VAL A 203 8.53 -9.56 -14.14
CA VAL A 203 8.30 -8.49 -13.16
C VAL A 203 7.43 -9.01 -12.06
N THR A 204 7.91 -8.90 -10.83
CA THR A 204 7.13 -9.15 -9.61
C THR A 204 6.76 -7.79 -9.02
N ILE A 205 5.46 -7.53 -8.75
CA ILE A 205 5.07 -6.26 -8.13
C ILE A 205 4.96 -6.54 -6.63
N PHE A 206 5.49 -5.68 -5.78
CA PHE A 206 5.37 -5.87 -4.36
C PHE A 206 5.19 -4.50 -3.72
N GLY A 207 4.55 -4.53 -2.56
CA GLY A 207 4.28 -3.28 -1.87
C GLY A 207 3.94 -3.59 -0.44
N GLU A 208 3.92 -2.58 0.41
CA GLU A 208 3.54 -2.81 1.79
C GLU A 208 2.46 -1.82 2.19
N SER A 209 1.51 -2.28 3.03
CA SER A 209 0.41 -1.47 3.52
C SER A 209 -0.40 -0.91 2.34
N ALA A 210 -0.60 0.40 2.14
CA ALA A 210 -1.34 0.89 0.99
C ALA A 210 -0.68 0.45 -0.31
N GLY A 211 0.63 0.16 -0.33
CA GLY A 211 1.28 -0.35 -1.53
C GLY A 211 0.83 -1.78 -1.79
N SER A 212 0.51 -2.53 -0.72
CA SER A 212 0.08 -3.93 -0.81
C SER A 212 -1.35 -4.03 -1.32
N MET A 213 -2.19 -3.14 -0.79
CA MET A 213 -3.56 -3.01 -1.23
C MET A 213 -3.56 -2.60 -2.69
N SER A 214 -2.60 -1.74 -3.10
CA SER A 214 -2.38 -1.37 -4.47
C SER A 214 -2.08 -2.59 -5.34
N VAL A 215 -1.22 -3.50 -4.91
CA VAL A 215 -0.90 -4.73 -5.62
C VAL A 215 -2.17 -5.53 -5.78
N MET A 216 -3.01 -5.63 -4.74
CA MET A 216 -4.28 -6.33 -4.85
C MET A 216 -5.16 -5.70 -5.92
N CYS A 217 -5.30 -4.37 -5.87
CA CYS A 217 -6.06 -3.66 -6.88
C CYS A 217 -5.49 -3.89 -8.28
N HIS A 218 -4.18 -4.06 -8.47
CA HIS A 218 -3.64 -4.38 -9.78
C HIS A 218 -3.99 -5.80 -10.19
N ILE A 219 -4.18 -6.75 -9.28
CA ILE A 219 -4.56 -8.11 -9.65
C ILE A 219 -6.00 -8.09 -10.15
N LEU A 220 -6.82 -7.22 -9.55
CA LEU A 220 -8.24 -7.07 -9.87
C LEU A 220 -8.61 -6.11 -10.99
N TRP A 221 -7.68 -5.22 -11.36
CA TRP A 221 -7.81 -4.23 -12.41
C TRP A 221 -8.25 -4.81 -13.73
N ASN A 222 -9.22 -4.15 -14.35
CA ASN A 222 -9.76 -4.53 -15.65
C ASN A 222 -10.20 -5.98 -15.67
N ASP A 223 -10.81 -6.33 -14.54
CA ASP A 223 -11.28 -7.68 -14.25
C ASP A 223 -10.25 -8.77 -14.38
N GLY A 224 -9.01 -8.41 -14.07
CA GLY A 224 -7.94 -9.37 -14.07
C GLY A 224 -7.18 -9.42 -15.38
N ASP A 225 -7.47 -8.49 -16.28
CA ASP A 225 -6.71 -8.49 -17.48
C ASP A 225 -5.53 -7.60 -17.18
N ASN A 226 -4.42 -8.25 -17.01
CA ASN A 226 -3.19 -7.53 -16.70
C ASN A 226 -2.29 -7.40 -17.92
N THR A 227 -2.79 -7.40 -19.16
CA THR A 227 -1.88 -7.37 -20.28
C THR A 227 -1.69 -5.98 -20.84
N TYR A 228 -0.58 -5.75 -21.53
CA TYR A 228 -0.24 -4.49 -22.16
C TYR A 228 0.41 -4.98 -23.41
N LYS A 229 -0.12 -4.52 -24.55
CA LYS A 229 0.39 -4.91 -25.84
C LYS A 229 0.44 -6.43 -25.99
N GLY A 230 -0.58 -7.11 -25.46
CA GLY A 230 -0.65 -8.58 -25.52
C GLY A 230 0.19 -9.34 -24.50
N LYS A 231 0.82 -8.68 -23.52
CA LYS A 231 1.63 -9.39 -22.55
C LYS A 231 1.32 -9.00 -21.13
N PRO A 232 1.37 -9.89 -20.13
CA PRO A 232 1.15 -9.53 -18.73
C PRO A 232 2.17 -8.49 -18.34
N LEU A 233 1.70 -7.55 -17.54
CA LEU A 233 2.57 -6.54 -16.97
C LEU A 233 3.37 -7.04 -15.76
N PHE A 234 3.03 -8.20 -15.20
CA PHE A 234 3.73 -8.74 -14.04
C PHE A 234 3.41 -10.22 -13.97
N ARG A 235 4.33 -11.06 -13.56
CA ARG A 235 4.06 -12.49 -13.46
C ARG A 235 3.86 -12.94 -12.04
N ALA A 236 3.88 -12.05 -11.04
CA ALA A 236 3.72 -12.48 -9.66
C ALA A 236 3.54 -11.27 -8.76
N GLY A 237 3.00 -11.46 -7.56
CA GLY A 237 2.85 -10.35 -6.65
C GLY A 237 3.18 -10.77 -5.22
N ILE A 238 3.75 -9.82 -4.45
CA ILE A 238 4.05 -10.00 -3.04
C ILE A 238 3.34 -8.86 -2.31
N MET A 239 2.49 -9.24 -1.37
CA MET A 239 1.69 -8.30 -0.63
C MET A 239 2.03 -8.33 0.86
N GLN A 240 2.76 -7.33 1.32
CA GLN A 240 3.16 -7.19 2.72
C GLN A 240 2.13 -6.36 3.49
N SER A 241 1.25 -6.97 4.31
CA SER A 241 0.18 -6.29 5.05
C SER A 241 -0.87 -5.47 4.25
N GLY A 242 -1.85 -6.15 3.63
CA GLY A 242 -2.89 -5.47 2.89
C GLY A 242 -3.35 -6.27 1.70
N ALA A 243 -4.66 -6.38 1.55
CA ALA A 243 -5.24 -7.16 0.49
C ALA A 243 -6.39 -6.33 -0.14
N MET A 244 -7.64 -6.76 -0.30
CA MET A 244 -8.68 -5.93 -0.90
C MET A 244 -8.94 -4.74 0.00
N VAL A 245 -9.32 -3.66 -0.67
CA VAL A 245 -9.75 -2.47 0.04
C VAL A 245 -11.27 -2.62 0.34
N PRO A 246 -11.73 -2.50 1.61
CA PRO A 246 -13.13 -2.51 1.96
C PRO A 246 -13.81 -1.17 1.66
N SER A 247 -13.94 -0.79 0.40
CA SER A 247 -14.49 0.49 0.06
C SER A 247 -15.72 0.39 -0.81
N ASP A 248 -16.63 1.31 -0.48
CA ASP A 248 -17.81 1.59 -1.25
C ASP A 248 -17.40 2.19 -2.59
N ALA A 249 -18.34 2.24 -3.54
CA ALA A 249 -18.13 2.85 -4.85
C ALA A 249 -17.67 4.31 -4.76
N VAL A 250 -17.07 4.79 -5.84
CA VAL A 250 -16.52 6.13 -5.89
C VAL A 250 -17.55 7.25 -5.63
N ASP A 251 -18.77 7.06 -6.08
CA ASP A 251 -19.84 8.03 -5.89
C ASP A 251 -20.73 7.60 -4.72
N GLY A 252 -20.18 6.83 -3.78
CA GLY A 252 -20.91 6.46 -2.59
C GLY A 252 -20.96 7.64 -1.63
N ILE A 253 -21.60 7.42 -0.49
CA ILE A 253 -21.83 8.48 0.47
C ILE A 253 -20.56 9.10 1.09
N TYR A 254 -19.49 8.38 1.46
CA TYR A 254 -18.35 9.08 2.08
C TYR A 254 -17.42 9.69 1.06
N GLY A 255 -17.36 9.11 -0.15
CA GLY A 255 -16.61 9.66 -1.28
C GLY A 255 -17.16 11.04 -1.63
N ASN A 256 -18.50 11.17 -1.69
CA ASN A 256 -19.14 12.47 -1.93
C ASN A 256 -19.01 13.49 -0.84
N GLU A 257 -19.21 13.07 0.41
CA GLU A 257 -19.00 13.91 1.59
C GLU A 257 -17.60 14.51 1.67
N ILE A 258 -16.54 13.71 1.49
CA ILE A 258 -15.16 14.19 1.51
C ILE A 258 -14.99 15.15 0.36
N PHE A 259 -15.57 14.88 -0.83
CA PHE A 259 -15.50 15.82 -1.93
C PHE A 259 -16.07 17.18 -1.54
N ASP A 260 -17.29 17.21 -0.99
CA ASP A 260 -17.94 18.45 -0.60
C ASP A 260 -17.22 19.15 0.50
N LEU A 261 -16.63 18.43 1.48
CA LEU A 261 -15.89 19.08 2.53
C LEU A 261 -14.66 19.74 1.94
N LEU A 262 -13.90 19.03 1.10
CA LEU A 262 -12.69 19.54 0.48
C LEU A 262 -13.01 20.81 -0.30
N ALA A 263 -14.10 20.76 -1.09
CA ALA A 263 -14.47 21.88 -1.92
C ALA A 263 -14.93 23.03 -1.02
N SER A 264 -15.64 22.89 0.12
CA SER A 264 -15.90 24.01 1.03
C SER A 264 -14.58 24.60 1.51
N ASN A 265 -13.68 23.74 1.98
CA ASN A 265 -12.37 24.14 2.46
C ASN A 265 -11.56 24.96 1.49
N ALA A 266 -11.50 24.60 0.19
CA ALA A 266 -10.74 25.37 -0.81
C ALA A 266 -11.39 26.68 -1.28
N GLY A 267 -12.67 26.81 -0.94
CA GLY A 267 -13.44 27.97 -1.33
C GLY A 267 -14.33 27.75 -2.52
N CYS A 268 -14.60 26.49 -2.83
CA CYS A 268 -15.38 26.11 -3.98
C CYS A 268 -16.75 25.66 -3.59
N GLY A 269 -17.16 25.87 -2.35
CA GLY A 269 -18.48 25.40 -1.95
C GLY A 269 -19.62 26.00 -2.77
N SER A 270 -19.45 27.18 -3.37
CA SER A 270 -20.51 27.79 -4.14
C SER A 270 -20.28 27.72 -5.64
N ALA A 271 -19.36 26.84 -6.08
CA ALA A 271 -19.11 26.71 -7.48
C ALA A 271 -20.19 25.82 -8.08
N SER A 272 -20.58 26.14 -9.30
CA SER A 272 -21.52 25.31 -10.01
C SER A 272 -20.78 24.03 -10.40
N ASP A 273 -19.54 24.20 -10.81
CA ASP A 273 -18.72 23.07 -11.15
C ASP A 273 -17.62 23.15 -10.15
N LYS A 274 -17.76 22.34 -9.12
CA LYS A 274 -16.79 22.28 -8.08
C LYS A 274 -15.47 21.75 -8.54
N LEU A 275 -15.52 20.78 -9.45
CA LEU A 275 -14.33 20.10 -9.89
C LEU A 275 -13.43 21.07 -10.63
N ALA A 276 -14.02 21.90 -11.50
CA ALA A 276 -13.24 22.94 -12.18
C ALA A 276 -12.73 24.03 -11.23
N CYS A 277 -13.50 24.29 -10.17
CA CYS A 277 -13.12 25.26 -9.16
C CYS A 277 -11.89 24.72 -8.46
N LEU A 278 -11.84 23.42 -8.07
CA LEU A 278 -10.68 22.83 -7.41
C LEU A 278 -9.48 22.78 -8.35
N ARG A 279 -9.62 22.60 -9.69
CA ARG A 279 -8.48 22.72 -10.60
C ARG A 279 -7.89 24.13 -10.68
N GLY A 280 -8.61 25.16 -10.26
CA GLY A 280 -8.12 26.51 -10.32
C GLY A 280 -7.44 26.98 -9.05
N VAL A 281 -7.70 26.42 -7.86
CA VAL A 281 -7.07 26.95 -6.66
C VAL A 281 -5.57 26.68 -6.66
N SER A 282 -4.82 27.48 -5.93
CA SER A 282 -3.38 27.23 -5.84
C SER A 282 -3.06 25.94 -5.10
N SER A 283 -1.78 25.56 -5.23
CA SER A 283 -1.21 24.42 -4.52
C SER A 283 -1.31 24.62 -3.03
N ASP A 284 -1.05 25.82 -2.53
CA ASP A 284 -1.14 26.08 -1.11
C ASP A 284 -2.55 25.90 -0.64
N THR A 285 -3.52 26.52 -1.33
CA THR A 285 -4.90 26.39 -0.92
C THR A 285 -5.33 24.93 -0.94
N LEU A 286 -4.94 24.15 -1.94
CA LEU A 286 -5.39 22.78 -2.03
C LEU A 286 -4.73 21.97 -0.93
N GLU A 287 -3.48 22.24 -0.63
CA GLU A 287 -2.76 21.55 0.44
C GLU A 287 -3.45 21.81 1.77
N ASP A 288 -3.79 23.06 1.97
CA ASP A 288 -4.49 23.52 3.15
C ASP A 288 -5.83 22.85 3.36
N ALA A 289 -6.63 22.92 2.32
CA ALA A 289 -7.94 22.30 2.29
C ALA A 289 -7.89 20.82 2.60
N THR A 290 -6.88 20.11 2.08
CA THR A 290 -6.73 18.67 2.29
C THR A 290 -6.32 18.39 3.72
N ASN A 291 -5.46 19.21 4.31
CA ASN A 291 -5.08 19.00 5.69
C ASN A 291 -6.23 19.29 6.64
N ASN A 292 -7.32 19.88 6.14
CA ASN A 292 -8.52 20.06 6.93
C ASN A 292 -9.57 19.00 6.68
N THR A 293 -9.20 17.88 6.06
CA THR A 293 -10.10 16.74 5.99
C THR A 293 -9.36 15.66 6.76
N PRO A 294 -9.93 14.62 7.32
CA PRO A 294 -9.21 13.65 8.17
C PRO A 294 -8.05 12.90 7.51
N GLY A 295 -6.89 12.85 8.19
CA GLY A 295 -5.74 12.05 7.79
C GLY A 295 -5.84 10.72 8.51
N PHE A 296 -5.06 9.71 8.13
CA PHE A 296 -5.28 8.36 8.65
C PHE A 296 -4.99 8.13 10.14
N LEU A 297 -4.33 9.08 10.82
CA LEU A 297 -4.02 9.02 12.25
C LEU A 297 -5.00 9.82 13.07
N ALA A 298 -5.85 10.58 12.39
CA ALA A 298 -6.88 11.30 13.07
C ALA A 298 -7.92 10.27 13.54
N TYR A 299 -8.87 10.71 14.38
CA TYR A 299 -9.89 9.86 15.00
C TYR A 299 -10.62 8.93 14.04
N SER A 300 -10.83 9.33 12.80
CA SER A 300 -11.56 8.50 11.82
C SER A 300 -10.76 7.24 11.49
N SER A 301 -9.42 7.33 11.61
CA SER A 301 -8.53 6.21 11.50
C SER A 301 -8.78 5.49 10.17
N LEU A 302 -9.16 4.21 10.17
CA LEU A 302 -9.34 3.43 8.97
C LEU A 302 -10.50 3.82 8.07
N ARG A 303 -11.41 4.70 8.50
CA ARG A 303 -12.46 5.24 7.65
C ARG A 303 -11.77 6.40 6.91
N LEU A 304 -10.90 5.99 6.01
CA LEU A 304 -10.01 6.87 5.26
C LEU A 304 -10.72 7.82 4.35
N SER A 305 -10.19 9.04 4.27
CA SER A 305 -10.73 10.03 3.38
C SER A 305 -10.34 9.71 1.94
N TYR A 306 -9.21 9.09 1.62
CA TYR A 306 -8.80 8.95 0.24
C TYR A 306 -8.33 7.53 0.10
N LEU A 307 -8.85 6.73 -0.79
CA LEU A 307 -8.47 5.33 -0.88
C LEU A 307 -9.05 4.78 -2.19
N PRO A 308 -8.57 3.69 -2.80
CA PRO A 308 -9.13 3.02 -3.97
C PRO A 308 -10.61 2.72 -3.85
N ARG A 309 -11.50 3.10 -4.75
CA ARG A 309 -12.92 2.80 -4.61
C ARG A 309 -13.37 2.12 -5.88
N PRO A 310 -14.23 1.09 -5.91
CA PRO A 310 -14.83 0.62 -7.17
C PRO A 310 -15.47 1.76 -7.99
N ASP A 311 -15.15 1.77 -9.25
CA ASP A 311 -15.71 2.78 -10.12
C ASP A 311 -16.61 2.17 -11.18
N GLY A 312 -16.73 0.85 -11.31
CA GLY A 312 -17.53 0.28 -12.38
C GLY A 312 -16.78 0.24 -13.72
N VAL A 313 -15.60 0.84 -13.93
CA VAL A 313 -14.90 0.74 -15.22
C VAL A 313 -13.54 0.05 -15.09
N ASN A 314 -12.60 0.52 -14.25
CA ASN A 314 -11.35 -0.22 -14.09
C ASN A 314 -11.35 -1.16 -12.87
N ILE A 315 -12.12 -0.85 -11.81
CA ILE A 315 -12.36 -1.76 -10.69
C ILE A 315 -13.88 -1.80 -10.79
N THR A 316 -14.41 -2.90 -11.35
CA THR A 316 -15.82 -2.91 -11.71
C THR A 316 -16.81 -3.10 -10.59
N ASP A 317 -16.36 -3.63 -9.47
CA ASP A 317 -17.29 -3.91 -8.42
C ASP A 317 -16.53 -3.93 -7.12
N ASP A 318 -17.30 -4.04 -6.04
CA ASP A 318 -16.84 -4.37 -4.71
C ASP A 318 -15.66 -5.33 -4.83
N MET A 319 -14.53 -5.01 -4.23
CA MET A 319 -13.36 -5.85 -4.37
C MET A 319 -13.46 -7.24 -3.79
N TYR A 320 -14.30 -7.47 -2.77
CA TYR A 320 -14.49 -8.80 -2.22
C TYR A 320 -15.29 -9.70 -3.15
N ALA A 321 -16.25 -9.10 -3.86
CA ALA A 321 -17.07 -9.82 -4.81
C ALA A 321 -16.23 -10.14 -6.04
N LEU A 322 -15.28 -9.30 -6.48
CA LEU A 322 -14.43 -9.61 -7.62
C LEU A 322 -13.59 -10.86 -7.38
N VAL A 323 -13.11 -10.97 -6.14
CA VAL A 323 -12.36 -12.15 -5.71
C VAL A 323 -13.28 -13.40 -5.58
N ARG A 324 -14.50 -13.35 -5.01
CA ARG A 324 -15.38 -14.50 -5.04
C ARG A 324 -15.70 -14.93 -6.46
N GLU A 325 -15.87 -13.94 -7.33
CA GLU A 325 -16.24 -14.15 -8.72
C GLU A 325 -15.13 -14.48 -9.71
N GLY A 326 -13.87 -14.61 -9.27
CA GLY A 326 -12.78 -14.98 -10.14
C GLY A 326 -12.24 -13.88 -11.06
N LYS A 327 -12.57 -12.60 -10.83
CA LYS A 327 -12.14 -11.54 -11.73
C LYS A 327 -10.80 -11.00 -11.29
N TYR A 328 -9.74 -11.78 -11.55
CA TYR A 328 -8.39 -11.45 -11.12
C TYR A 328 -7.40 -12.10 -12.08
N ALA A 329 -6.19 -11.53 -12.14
CA ALA A 329 -5.09 -12.09 -12.89
C ALA A 329 -4.65 -13.38 -12.19
N ASN A 330 -4.27 -14.39 -12.96
CA ASN A 330 -3.94 -15.68 -12.40
C ASN A 330 -2.44 -15.73 -12.24
N ILE A 331 -1.91 -15.46 -11.06
CA ILE A 331 -0.48 -15.39 -10.83
C ILE A 331 -0.13 -16.05 -9.52
N PRO A 332 1.07 -16.55 -9.26
CA PRO A 332 1.57 -16.91 -7.94
C PRO A 332 1.69 -15.69 -7.05
N VAL A 333 1.31 -15.77 -5.78
CA VAL A 333 1.32 -14.63 -4.87
C VAL A 333 1.89 -15.02 -3.50
N ILE A 334 2.51 -14.07 -2.82
CA ILE A 334 2.88 -14.22 -1.41
C ILE A 334 2.08 -13.11 -0.74
N ILE A 335 1.39 -13.36 0.38
CA ILE A 335 0.72 -12.29 1.07
C ILE A 335 0.91 -12.57 2.55
N GLY A 336 1.29 -11.59 3.35
CA GLY A 336 1.51 -11.89 4.74
C GLY A 336 1.14 -10.71 5.59
N ASP A 337 1.28 -10.91 6.90
CA ASP A 337 0.95 -9.90 7.89
C ASP A 337 1.94 -9.88 9.04
N GLN A 338 1.89 -8.77 9.77
CA GLN A 338 2.65 -8.61 10.99
C GLN A 338 1.56 -8.98 11.99
N ASN A 339 1.94 -9.60 13.08
CA ASN A 339 0.99 -10.04 14.08
C ASN A 339 0.10 -8.97 14.65
N ASP A 340 0.56 -7.74 14.84
CA ASP A 340 -0.26 -6.70 15.47
C ASP A 340 -0.42 -5.46 14.60
N GLU A 341 -1.12 -5.70 13.50
CA GLU A 341 -1.35 -4.69 12.49
C GLU A 341 -2.16 -3.51 12.99
N GLY A 342 -3.11 -3.65 13.88
CA GLY A 342 -3.94 -2.53 14.25
C GLY A 342 -3.45 -1.71 15.41
N THR A 343 -2.43 -2.04 16.21
CA THR A 343 -2.03 -1.23 17.35
C THR A 343 -1.70 0.21 16.97
N PHE A 344 -1.05 0.38 15.81
CA PHE A 344 -0.85 1.71 15.28
C PHE A 344 -2.10 2.55 15.14
N PHE A 345 -3.12 1.96 14.51
CA PHE A 345 -4.33 2.69 14.25
C PHE A 345 -5.17 2.83 15.53
N GLY A 346 -5.09 1.88 16.46
CA GLY A 346 -5.81 1.98 17.71
C GLY A 346 -5.39 3.21 18.51
N THR A 347 -4.17 3.75 18.31
CA THR A 347 -3.74 4.92 19.05
C THR A 347 -4.61 6.14 18.72
N SER A 348 -5.41 6.14 17.64
CA SER A 348 -6.26 7.27 17.26
C SER A 348 -7.57 7.41 18.05
N SER A 349 -7.96 6.41 18.82
CA SER A 349 -9.21 6.47 19.51
C SER A 349 -9.01 6.23 21.00
N LEU A 350 -7.88 6.67 21.58
CA LEU A 350 -7.61 6.46 23.01
C LEU A 350 -8.47 7.26 24.01
N ASN A 351 -9.49 7.98 23.51
CA ASN A 351 -10.47 8.65 24.32
C ASN A 351 -11.72 7.78 24.40
N VAL A 352 -11.73 6.58 23.78
CA VAL A 352 -12.84 5.66 23.84
C VAL A 352 -12.46 4.72 24.98
N THR A 353 -13.18 4.69 26.08
CA THR A 353 -12.78 3.94 27.23
C THR A 353 -13.83 2.97 27.72
N THR A 354 -15.10 3.16 27.39
CA THR A 354 -16.15 2.26 27.84
C THR A 354 -16.68 1.44 26.69
N ASP A 355 -17.41 0.34 26.95
CA ASP A 355 -18.06 -0.41 25.89
C ASP A 355 -19.07 0.42 25.15
N ALA A 356 -19.84 1.28 25.81
CA ALA A 356 -20.83 2.07 25.09
C ALA A 356 -20.10 2.97 24.12
N GLN A 357 -19.00 3.60 24.53
CA GLN A 357 -18.21 4.39 23.59
C GLN A 357 -17.62 3.51 22.46
N ALA A 358 -17.17 2.27 22.71
CA ALA A 358 -16.62 1.39 21.68
C ALA A 358 -17.69 1.07 20.66
N ARG A 359 -18.92 0.79 21.10
CA ARG A 359 -20.05 0.56 20.20
C ARG A 359 -20.32 1.76 19.31
N GLU A 360 -20.31 2.97 19.85
CA GLU A 360 -20.52 4.17 19.07
C GLU A 360 -19.43 4.47 18.07
N TYR A 361 -18.20 4.19 18.46
CA TYR A 361 -17.07 4.41 17.61
C TYR A 361 -17.19 3.41 16.49
N PHE A 362 -17.49 2.12 16.68
CA PHE A 362 -17.64 1.23 15.53
C PHE A 362 -18.79 1.62 14.64
N LYS A 363 -19.91 2.02 15.23
CA LYS A 363 -21.05 2.55 14.50
C LYS A 363 -20.70 3.76 13.63
N GLN A 364 -19.89 4.71 14.13
CA GLN A 364 -19.42 5.83 13.34
C GLN A 364 -18.50 5.36 12.21
N SER A 365 -17.67 4.36 12.47
CA SER A 365 -16.76 3.88 11.46
C SER A 365 -17.44 3.08 10.38
N PHE A 366 -18.42 2.27 10.79
CA PHE A 366 -19.05 1.34 9.88
C PHE A 366 -20.53 1.67 9.74
N VAL A 367 -20.79 2.64 8.88
CA VAL A 367 -22.14 3.15 8.71
C VAL A 367 -23.09 2.13 8.12
N HIS A 368 -22.64 1.03 7.51
CA HIS A 368 -23.55 0.09 6.91
C HIS A 368 -23.85 -1.08 7.80
N ALA A 369 -23.31 -1.16 9.01
CA ALA A 369 -23.48 -2.33 9.81
C ALA A 369 -24.69 -2.14 10.70
N SER A 370 -25.50 -3.20 10.83
CA SER A 370 -26.67 -3.18 11.68
C SER A 370 -26.24 -3.29 13.13
N ASP A 371 -27.16 -3.09 14.09
CA ASP A 371 -26.82 -3.32 15.47
C ASP A 371 -26.51 -4.74 15.75
N ALA A 372 -27.22 -5.68 15.13
CA ALA A 372 -26.89 -7.09 15.30
C ALA A 372 -25.45 -7.36 14.85
N GLU A 373 -24.99 -6.85 13.72
CA GLU A 373 -23.60 -7.02 13.30
C GLU A 373 -22.62 -6.36 14.26
N ILE A 374 -22.94 -5.18 14.82
CA ILE A 374 -22.09 -4.53 15.80
C ILE A 374 -22.06 -5.41 17.06
N ASP A 375 -23.18 -6.04 17.38
CA ASP A 375 -23.25 -6.92 18.52
C ASP A 375 -22.40 -8.15 18.29
N THR A 376 -22.44 -8.70 17.08
CA THR A 376 -21.63 -9.85 16.81
C THR A 376 -20.18 -9.45 16.90
N LEU A 377 -19.75 -8.33 16.31
CA LEU A 377 -18.37 -7.88 16.39
C LEU A 377 -17.85 -7.75 17.80
N MET A 378 -18.67 -7.20 18.69
CA MET A 378 -18.29 -7.01 20.09
C MET A 378 -18.33 -8.24 21.01
N THR A 379 -18.90 -9.32 20.47
CA THR A 379 -18.87 -10.63 21.09
C THR A 379 -17.61 -11.34 20.59
N ALA A 380 -17.32 -11.25 19.28
CA ALA A 380 -16.14 -11.88 18.70
C ALA A 380 -14.84 -11.17 19.11
N TYR A 381 -14.86 -9.86 19.37
CA TYR A 381 -13.69 -9.12 19.85
C TYR A 381 -14.14 -8.53 21.16
N PRO A 382 -14.05 -9.31 22.24
CA PRO A 382 -14.56 -8.93 23.54
C PRO A 382 -13.67 -7.90 24.20
N GLY A 383 -14.24 -7.24 25.19
CA GLY A 383 -13.52 -6.20 25.89
C GLY A 383 -12.36 -6.69 26.76
N ASP A 384 -12.35 -7.98 27.10
CA ASP A 384 -11.32 -8.63 27.90
C ASP A 384 -9.92 -8.26 27.38
N ILE A 385 -9.11 -7.58 28.20
CA ILE A 385 -7.81 -7.10 27.75
C ILE A 385 -6.80 -8.18 27.43
N THR A 386 -6.94 -9.41 27.88
CA THR A 386 -5.99 -10.44 27.49
C THR A 386 -6.16 -10.88 26.04
N GLN A 387 -7.35 -10.58 25.50
CA GLN A 387 -7.80 -11.02 24.19
C GLN A 387 -7.33 -10.24 22.96
N GLY A 388 -6.99 -8.97 23.18
CA GLY A 388 -6.71 -8.08 22.08
C GLY A 388 -5.24 -7.94 21.75
N SER A 389 -4.98 -6.99 20.86
CA SER A 389 -3.67 -6.72 20.31
C SER A 389 -2.95 -5.61 21.05
N PRO A 390 -1.66 -5.72 21.46
CA PRO A 390 -0.70 -6.78 21.15
C PRO A 390 -1.11 -8.15 21.65
N PHE A 391 -1.10 -9.12 20.74
CA PHE A 391 -1.67 -10.41 21.04
C PHE A 391 -0.72 -11.15 21.96
N ASP A 392 -1.39 -11.89 22.84
CA ASP A 392 -0.79 -12.71 23.85
C ASP A 392 0.10 -11.94 24.82
N THR A 393 -0.32 -10.74 25.23
CA THR A 393 0.46 -10.02 26.21
C THR A 393 -0.32 -9.89 27.51
N GLY A 394 -1.38 -10.65 27.70
CA GLY A 394 -2.03 -10.69 28.97
C GLY A 394 -2.65 -9.37 29.37
N ILE A 395 -2.42 -8.94 30.62
CA ILE A 395 -3.02 -7.72 31.12
C ILE A 395 -2.10 -6.57 30.77
N LEU A 396 -1.01 -6.80 30.04
CA LEU A 396 -0.14 -5.70 29.67
C LEU A 396 -0.75 -4.92 28.52
N ASN A 397 -0.27 -3.68 28.40
CA ASN A 397 -0.58 -2.74 27.35
C ASN A 397 -2.00 -2.23 27.45
N ALA A 398 -2.54 -2.11 28.64
CA ALA A 398 -3.90 -1.62 28.73
C ALA A 398 -3.93 -0.08 28.84
N LEU A 399 -3.69 0.62 27.72
CA LEU A 399 -3.65 2.08 27.71
C LEU A 399 -5.04 2.53 28.09
N THR A 400 -6.08 1.87 27.53
CA THR A 400 -7.44 2.09 27.99
C THR A 400 -8.02 0.69 28.18
N PRO A 401 -9.21 0.54 28.72
CA PRO A 401 -9.99 -0.67 28.63
C PRO A 401 -10.29 -1.17 27.22
N GLN A 402 -10.23 -0.30 26.21
CA GLN A 402 -10.63 -0.69 24.86
C GLN A 402 -9.57 -0.72 23.78
N PHE A 403 -8.33 -0.29 24.08
CA PHE A 403 -7.27 -0.14 23.10
C PHE A 403 -6.95 -1.43 22.37
N LYS A 404 -6.77 -2.50 23.13
CA LYS A 404 -6.39 -3.77 22.60
C LYS A 404 -7.51 -4.36 21.78
N ARG A 405 -8.77 -4.05 22.10
CA ARG A 405 -9.96 -4.51 21.39
C ARG A 405 -10.09 -3.82 20.02
N ILE A 406 -10.10 -2.47 20.05
CA ILE A 406 -10.16 -1.65 18.83
C ILE A 406 -8.95 -2.02 17.95
N SER A 407 -7.71 -2.15 18.48
CA SER A 407 -6.55 -2.58 17.70
C SER A 407 -6.77 -3.97 17.11
N ALA A 408 -7.32 -4.96 17.83
CA ALA A 408 -7.59 -6.28 17.24
C ALA A 408 -8.55 -6.23 16.05
N VAL A 409 -9.62 -5.44 16.18
CA VAL A 409 -10.62 -5.27 15.14
C VAL A 409 -10.05 -4.62 13.91
N LEU A 410 -9.48 -3.42 14.05
CA LEU A 410 -8.92 -2.70 12.94
C LEU A 410 -7.79 -3.43 12.22
N GLY A 411 -6.88 -4.14 12.88
CA GLY A 411 -5.84 -4.86 12.21
C GLY A 411 -6.40 -6.05 11.46
N ASP A 412 -7.45 -6.66 11.97
CA ASP A 412 -8.07 -7.80 11.31
C ASP A 412 -8.88 -7.48 10.04
N LEU A 413 -9.79 -6.53 10.14
CA LEU A 413 -10.60 -6.10 9.03
C LEU A 413 -9.70 -5.50 7.97
N GLY A 414 -8.87 -4.53 8.33
CA GLY A 414 -8.06 -3.91 7.31
C GLY A 414 -6.97 -4.81 6.76
N PHE A 415 -6.41 -5.80 7.49
CA PHE A 415 -5.29 -6.54 6.95
C PHE A 415 -5.28 -8.02 7.23
N THR A 416 -5.20 -8.46 8.48
CA THR A 416 -4.89 -9.86 8.76
C THR A 416 -5.94 -10.90 8.37
N LEU A 417 -7.22 -10.62 8.59
CA LEU A 417 -8.22 -11.60 8.26
C LEU A 417 -8.70 -11.25 6.86
N ALA A 418 -8.59 -10.00 6.37
CA ALA A 418 -8.83 -9.68 4.96
C ALA A 418 -7.97 -10.58 4.08
N ARG A 419 -6.70 -10.76 4.47
CA ARG A 419 -5.78 -11.69 3.82
C ARG A 419 -6.32 -13.11 3.82
N ARG A 420 -6.87 -13.65 4.91
CA ARG A 420 -7.40 -15.00 4.92
C ARG A 420 -8.58 -15.14 3.95
N TYR A 421 -9.40 -14.10 3.78
CA TYR A 421 -10.56 -14.15 2.90
C TYR A 421 -10.07 -14.29 1.47
N PHE A 422 -9.07 -13.51 1.09
CA PHE A 422 -8.47 -13.62 -0.20
C PHE A 422 -7.94 -15.03 -0.40
N LEU A 423 -7.18 -15.55 0.57
CA LEU A 423 -6.52 -16.84 0.44
C LEU A 423 -7.53 -17.93 0.34
N ASN A 424 -8.64 -17.86 1.07
CA ASN A 424 -9.67 -18.87 0.91
C ASN A 424 -10.43 -18.78 -0.39
N HIS A 425 -10.37 -17.73 -1.19
CA HIS A 425 -11.16 -17.64 -2.41
C HIS A 425 -10.36 -17.61 -3.70
N TYR A 426 -9.09 -17.22 -3.64
CA TYR A 426 -8.24 -17.03 -4.81
C TYR A 426 -7.77 -18.35 -5.39
N THR A 427 -8.03 -18.69 -6.64
CA THR A 427 -7.50 -19.91 -7.21
C THR A 427 -6.58 -19.63 -8.40
N GLY A 428 -6.12 -18.38 -8.53
CA GLY A 428 -5.38 -17.95 -9.72
C GLY A 428 -3.96 -18.48 -9.85
N GLY A 429 -3.29 -18.84 -8.78
CA GLY A 429 -1.94 -19.35 -8.82
C GLY A 429 -1.58 -19.92 -7.46
N THR A 430 -0.33 -20.32 -7.27
CA THR A 430 0.14 -20.84 -6.01
C THR A 430 0.16 -19.72 -4.96
N LYS A 431 -0.31 -20.00 -3.76
CA LYS A 431 -0.25 -19.04 -2.68
C LYS A 431 0.74 -19.42 -1.61
N TYR A 432 1.43 -18.43 -1.07
CA TYR A 432 2.33 -18.58 0.06
C TYR A 432 1.89 -17.52 1.06
N SER A 433 1.89 -17.80 2.35
CA SER A 433 1.51 -16.81 3.35
C SER A 433 2.45 -16.86 4.57
N PHE A 434 2.78 -15.69 5.15
CA PHE A 434 3.60 -15.63 6.35
C PHE A 434 2.87 -14.82 7.45
N LEU A 435 3.26 -14.98 8.72
CA LEU A 435 2.77 -14.14 9.80
C LEU A 435 3.99 -13.93 10.67
N SER A 436 4.36 -12.66 10.90
CA SER A 436 5.51 -12.33 11.71
C SER A 436 5.20 -12.01 13.17
N LYS A 437 5.95 -12.65 14.07
CA LYS A 437 5.89 -12.44 15.51
C LYS A 437 7.29 -12.03 15.96
N GLN A 438 7.96 -11.35 15.05
CA GLN A 438 9.36 -11.03 15.22
C GLN A 438 9.61 -10.11 16.38
N LEU A 439 8.71 -9.20 16.70
CA LEU A 439 8.96 -8.25 17.75
C LEU A 439 8.04 -8.47 18.95
N SER A 440 7.67 -9.74 19.17
CA SER A 440 6.90 -10.11 20.36
C SER A 440 7.65 -9.57 21.58
N GLY A 441 6.86 -8.93 22.43
CA GLY A 441 7.32 -8.26 23.63
C GLY A 441 7.60 -6.78 23.40
N LEU A 442 7.46 -6.20 22.21
CA LEU A 442 7.67 -4.76 22.07
C LEU A 442 6.48 -4.06 22.71
N PRO A 443 6.63 -3.25 23.76
CA PRO A 443 5.53 -2.60 24.47
C PRO A 443 4.68 -1.76 23.56
N VAL A 444 3.41 -1.72 23.91
CA VAL A 444 2.36 -1.00 23.22
C VAL A 444 2.12 -1.45 21.78
N LEU A 445 3.12 -1.49 20.91
CA LEU A 445 2.83 -1.83 19.54
C LEU A 445 2.94 -3.28 19.14
N GLY A 446 3.75 -4.09 19.82
CA GLY A 446 3.91 -5.49 19.44
C GLY A 446 4.57 -5.64 18.08
N THR A 447 4.30 -6.70 17.30
CA THR A 447 4.89 -6.81 15.97
C THR A 447 4.02 -5.96 15.05
N PHE A 448 4.32 -4.65 15.08
CA PHE A 448 3.53 -3.60 14.47
C PHE A 448 3.62 -3.43 12.97
N HIS A 449 2.58 -2.77 12.47
CA HIS A 449 2.39 -2.49 11.06
C HIS A 449 3.57 -1.65 10.63
N SER A 450 4.22 -2.14 9.56
CA SER A 450 5.39 -1.60 8.86
C SER A 450 6.79 -1.93 9.41
N ASN A 451 6.96 -2.66 10.52
CA ASN A 451 8.28 -3.01 11.05
C ASN A 451 9.05 -3.80 10.01
N ASP A 452 8.31 -4.48 9.11
CA ASP A 452 8.95 -5.17 8.02
C ASP A 452 9.74 -4.31 7.09
N ILE A 453 9.48 -3.01 6.92
CA ILE A 453 10.27 -2.12 6.09
C ILE A 453 11.66 -1.96 6.70
N VAL A 454 11.78 -1.95 8.03
CA VAL A 454 13.04 -1.83 8.75
C VAL A 454 13.93 -3.00 8.35
N PHE A 455 13.45 -4.25 8.48
CA PHE A 455 14.22 -5.48 8.21
C PHE A 455 14.34 -5.87 6.75
N GLN A 456 13.71 -5.10 5.87
CA GLN A 456 13.81 -5.31 4.43
C GLN A 456 14.81 -4.31 3.84
N ASP A 457 14.84 -3.09 4.40
CA ASP A 457 15.60 -2.03 3.76
C ASP A 457 16.67 -1.37 4.59
N TYR A 458 16.60 -1.57 5.90
CA TYR A 458 17.44 -0.87 6.84
C TYR A 458 18.36 -1.67 7.70
N LEU A 459 17.81 -2.64 8.44
CA LEU A 459 18.55 -3.43 9.41
C LEU A 459 18.39 -4.89 9.04
N LEU A 460 19.36 -5.72 9.40
CA LEU A 460 19.23 -7.16 9.18
C LEU A 460 18.60 -7.78 10.43
N GLY A 461 17.73 -8.75 10.28
CA GLY A 461 17.15 -9.44 11.41
C GLY A 461 16.64 -10.77 10.91
N SER A 462 16.06 -11.61 11.78
CA SER A 462 15.53 -12.89 11.36
C SER A 462 14.47 -12.72 10.24
N GLY A 463 13.66 -11.65 10.32
CA GLY A 463 12.67 -11.29 9.30
C GLY A 463 13.31 -11.01 7.94
N SER A 464 14.51 -10.44 7.84
CA SER A 464 15.18 -10.21 6.54
C SER A 464 15.28 -11.50 5.73
N LEU A 465 15.27 -12.68 6.33
CA LEU A 465 15.32 -13.95 5.61
C LEU A 465 14.12 -14.10 4.71
N ILE A 466 13.01 -13.52 5.15
CA ILE A 466 11.80 -13.54 4.36
C ILE A 466 11.72 -12.31 3.48
N TYR A 467 11.84 -11.11 4.05
CA TYR A 467 11.63 -9.89 3.28
C TYR A 467 12.70 -9.65 2.24
N ASN A 468 13.86 -10.29 2.35
CA ASN A 468 14.83 -10.16 1.28
C ASN A 468 14.99 -11.50 0.63
N ASN A 469 15.62 -12.46 1.26
CA ASN A 469 15.94 -13.70 0.59
C ASN A 469 14.77 -14.47 0.03
N ALA A 470 13.67 -14.75 0.76
CA ALA A 470 12.60 -15.55 0.18
C ALA A 470 11.91 -14.79 -0.95
N PHE A 471 11.80 -13.45 -0.82
CA PHE A 471 11.15 -12.62 -1.82
C PHE A 471 11.99 -12.55 -3.09
N ILE A 472 13.31 -12.52 -2.99
CA ILE A 472 14.21 -12.54 -4.14
C ILE A 472 14.05 -13.90 -4.85
N ALA A 473 14.00 -15.02 -4.12
CA ALA A 473 13.82 -16.33 -4.73
C ALA A 473 12.51 -16.43 -5.49
N PHE A 474 11.42 -15.93 -4.90
CA PHE A 474 10.10 -15.88 -5.52
C PHE A 474 10.14 -15.04 -6.82
N ALA A 475 10.75 -13.85 -6.80
CA ALA A 475 10.85 -13.05 -7.99
C ALA A 475 11.71 -13.73 -9.07
N THR A 476 12.70 -14.54 -8.71
CA THR A 476 13.52 -15.22 -9.69
C THR A 476 12.93 -16.53 -10.22
N ASP A 477 12.45 -17.40 -9.33
CA ASP A 477 12.01 -18.76 -9.63
C ASP A 477 10.54 -19.07 -9.40
N LEU A 478 9.82 -18.07 -8.89
CA LEU A 478 8.42 -18.18 -8.53
C LEU A 478 8.13 -19.18 -7.41
N ASP A 479 9.10 -19.37 -6.50
CA ASP A 479 8.99 -20.30 -5.42
C ASP A 479 9.98 -19.79 -4.40
N PRO A 480 9.56 -19.39 -3.20
CA PRO A 480 10.43 -18.83 -2.19
C PRO A 480 11.41 -19.87 -1.66
N ASN A 481 11.10 -21.16 -1.90
CA ASN A 481 11.92 -22.24 -1.38
C ASN A 481 13.20 -22.38 -2.16
N THR A 482 13.46 -21.74 -3.30
CA THR A 482 14.80 -21.85 -3.87
C THR A 482 15.84 -21.05 -3.07
N ALA A 483 15.46 -20.27 -2.03
CA ALA A 483 16.40 -19.49 -1.23
C ALA A 483 17.23 -20.37 -0.32
N GLY A 484 16.84 -21.65 -0.19
CA GLY A 484 17.62 -22.58 0.60
C GLY A 484 17.56 -22.21 2.08
N LEU A 485 16.37 -21.80 2.55
CA LEU A 485 16.19 -21.49 3.97
C LEU A 485 16.08 -22.84 4.65
N LEU A 486 16.38 -22.91 5.95
CA LEU A 486 16.22 -24.20 6.60
C LEU A 486 14.77 -24.64 6.77
N VAL A 487 13.80 -23.74 6.89
CA VAL A 487 12.43 -24.20 7.05
C VAL A 487 11.83 -24.14 5.65
N LYS A 488 11.11 -25.18 5.27
CA LYS A 488 10.42 -25.21 4.00
C LYS A 488 9.12 -24.41 4.18
N TRP A 489 8.81 -23.55 3.21
CA TRP A 489 7.61 -22.74 3.22
C TRP A 489 6.56 -23.59 2.49
N PRO A 490 5.56 -24.12 3.21
CA PRO A 490 4.45 -24.86 2.63
C PRO A 490 3.47 -23.95 1.91
N GLU A 491 2.90 -24.52 0.88
CA GLU A 491 1.88 -23.89 0.07
C GLU A 491 0.61 -23.77 0.91
N TYR A 492 -0.08 -22.65 0.72
CA TYR A 492 -1.28 -22.35 1.42
C TYR A 492 -2.40 -22.75 0.47
N THR A 493 -3.29 -23.66 0.83
CA THR A 493 -4.47 -23.91 0.02
C THR A 493 -5.71 -23.39 0.74
N SER A 494 -5.91 -23.68 2.02
CA SER A 494 -7.09 -23.22 2.71
C SER A 494 -6.84 -22.97 4.18
N SER A 495 -7.69 -22.20 4.87
CA SER A 495 -7.45 -21.97 6.30
C SER A 495 -7.96 -23.18 7.06
N SER A 496 -8.78 -24.03 6.45
CA SER A 496 -9.24 -25.26 7.07
C SER A 496 -8.37 -26.44 6.64
N GLN A 497 -7.22 -26.21 5.99
CA GLN A 497 -6.43 -27.34 5.58
C GLN A 497 -5.78 -27.98 6.81
N SER A 498 -5.32 -29.20 6.59
CA SER A 498 -4.65 -29.94 7.63
C SER A 498 -3.18 -29.61 7.46
N GLY A 499 -2.55 -29.33 8.59
CA GLY A 499 -1.14 -29.07 8.53
C GLY A 499 -0.86 -27.59 8.38
N ASN A 500 0.36 -27.29 8.79
CA ASN A 500 0.85 -25.95 8.77
C ASN A 500 0.82 -25.35 7.39
N ASN A 501 0.37 -24.12 7.35
CA ASN A 501 0.22 -23.41 6.09
C ASN A 501 0.77 -21.99 6.13
N LEU A 502 1.36 -21.60 7.28
CA LEU A 502 1.94 -20.28 7.41
C LEU A 502 3.40 -20.36 7.76
N MET A 503 4.21 -19.60 7.04
CA MET A 503 5.59 -19.38 7.42
C MET A 503 5.51 -18.37 8.58
N MET A 504 6.25 -18.56 9.66
CA MET A 504 6.21 -17.65 10.80
C MET A 504 7.61 -17.22 11.16
N ILE A 505 7.73 -16.05 11.74
CA ILE A 505 9.04 -15.50 12.05
C ILE A 505 9.00 -15.11 13.53
N ASN A 506 10.00 -15.44 14.34
CA ASN A 506 10.11 -14.89 15.70
C ASN A 506 11.52 -14.29 15.78
N ALA A 507 12.03 -13.83 16.92
CA ALA A 507 13.33 -13.18 17.03
C ALA A 507 14.52 -14.04 16.61
N LEU A 508 14.36 -15.36 16.77
CA LEU A 508 15.44 -16.30 16.47
C LEU A 508 15.38 -16.81 15.05
N GLY A 509 14.22 -16.90 14.39
CA GLY A 509 14.19 -17.35 13.01
C GLY A 509 12.79 -17.68 12.57
N LEU A 510 12.77 -18.77 11.84
CA LEU A 510 11.59 -19.18 11.16
C LEU A 510 11.06 -20.48 11.73
N TYR A 511 9.77 -20.71 11.55
CA TYR A 511 9.07 -21.92 11.90
C TYR A 511 7.72 -21.85 11.20
N THR A 512 6.84 -22.83 11.21
CA THR A 512 5.55 -22.78 10.52
C THR A 512 4.42 -22.97 11.52
N GLY A 513 3.23 -22.56 11.16
CA GLY A 513 2.09 -22.65 12.04
C GLY A 513 0.84 -22.64 11.21
N LYS A 514 -0.29 -22.31 11.81
CA LYS A 514 -1.57 -22.47 11.15
C LYS A 514 -2.36 -21.20 11.15
N ASP A 515 -3.11 -21.00 10.08
CA ASP A 515 -3.92 -19.81 9.94
C ASP A 515 -5.31 -20.10 10.42
N ASN A 516 -5.44 -20.42 11.71
CA ASN A 516 -6.72 -20.83 12.27
C ASN A 516 -7.10 -20.03 13.49
N PHE A 517 -6.52 -18.88 13.68
CA PHE A 517 -6.82 -18.05 14.82
C PHE A 517 -7.98 -17.10 14.50
N ARG A 518 -8.64 -16.63 15.55
CA ARG A 518 -9.77 -15.72 15.50
C ARG A 518 -10.82 -15.97 14.40
N THR A 519 -11.24 -17.22 14.27
CA THR A 519 -12.26 -17.61 13.30
C THR A 519 -13.59 -16.95 13.60
N ALA A 520 -13.89 -16.66 14.88
CA ALA A 520 -15.13 -15.98 15.25
C ALA A 520 -15.15 -14.55 14.69
N GLY A 521 -14.00 -13.88 14.74
CA GLY A 521 -13.83 -12.56 14.18
C GLY A 521 -13.97 -12.58 12.67
N TYR A 522 -13.41 -13.59 12.00
CA TYR A 522 -13.49 -13.70 10.55
C TYR A 522 -14.94 -13.77 10.14
N ASP A 523 -15.78 -14.58 10.77
CA ASP A 523 -17.16 -14.60 10.36
C ASP A 523 -17.95 -13.38 10.74
N ALA A 524 -17.66 -12.72 11.88
CA ALA A 524 -18.30 -11.47 12.26
C ALA A 524 -18.12 -10.38 11.21
N LEU A 525 -16.91 -10.37 10.64
CA LEU A 525 -16.45 -9.39 9.67
C LEU A 525 -16.86 -9.68 8.23
N PHE A 526 -16.57 -10.92 7.84
CA PHE A 526 -16.68 -11.31 6.46
C PHE A 526 -17.87 -12.15 6.10
N SER A 527 -18.85 -12.40 6.97
CA SER A 527 -20.09 -13.03 6.53
C SER A 527 -20.83 -12.17 5.52
N ASN A 528 -20.79 -10.87 5.65
CA ASN A 528 -21.36 -10.00 4.66
C ASN A 528 -20.38 -8.85 4.67
N PRO A 529 -19.28 -8.97 3.93
CA PRO A 529 -18.27 -7.92 3.86
C PRO A 529 -18.82 -6.49 3.66
N PRO A 530 -19.76 -6.15 2.79
CA PRO A 530 -20.22 -4.79 2.62
C PRO A 530 -20.72 -4.12 3.90
N SER A 531 -21.07 -4.86 4.95
CA SER A 531 -21.46 -4.27 6.21
C SER A 531 -20.33 -3.49 6.85
N PHE A 532 -19.07 -3.80 6.54
CA PHE A 532 -17.95 -3.11 7.11
C PHE A 532 -17.16 -2.28 6.11
N PHE A 533 -17.77 -1.80 5.03
CA PHE A 533 -17.09 -0.96 4.06
C PHE A 533 -17.12 0.50 4.48
N VAL A 534 -16.13 1.25 3.98
CA VAL A 534 -16.01 2.67 4.29
C VAL A 534 -16.12 3.47 3.00
C1 NAG B . -13.01 11.44 20.91
C2 NAG B . -14.50 11.66 21.19
C3 NAG B . -15.30 12.11 19.99
C4 NAG B . -14.54 13.14 19.16
C5 NAG B . -13.13 12.70 18.89
C6 NAG B . -12.37 13.68 18.04
C7 NAG B . -15.39 10.09 22.83
C8 NAG B . -15.79 8.66 23.12
N2 NAG B . -15.03 10.36 21.58
O3 NAG B . -16.52 12.68 20.42
O4 NAG B . -15.19 13.31 17.91
O5 NAG B . -12.47 12.52 20.13
O6 NAG B . -12.44 14.98 18.61
O7 NAG B . -15.42 10.99 23.68
C1 NAG B . -15.39 14.65 17.48
C2 NAG B . -15.95 14.67 16.07
C3 NAG B . -16.33 16.08 15.68
C4 NAG B . -17.23 16.71 16.71
C5 NAG B . -16.50 16.69 18.04
C6 NAG B . -17.32 17.33 19.16
C7 NAG B . -15.03 13.11 14.44
C8 NAG B . -13.91 12.78 13.50
N2 NAG B . -14.91 14.21 15.15
O3 NAG B . -16.98 16.19 14.43
O4 NAG B . -17.53 18.03 16.25
O5 NAG B . -16.23 15.32 18.39
O6 NAG B . -18.47 16.54 19.39
O7 NAG B . -16.02 12.37 14.54
C1 NAG C . -9.99 1.52 -17.73
C2 NAG C . -8.72 1.29 -18.55
C3 NAG C . -9.00 1.66 -20.02
C4 NAG C . -10.18 0.94 -20.58
C5 NAG C . -11.40 1.15 -19.68
C6 NAG C . -12.54 0.24 -20.13
C7 NAG C . -6.46 1.47 -17.61
C8 NAG C . -5.32 2.29 -17.06
N2 NAG C . -7.60 2.07 -18.01
O3 NAG C . -7.91 1.30 -20.86
O4 NAG C . -10.44 1.44 -21.88
O5 NAG C . -11.07 0.80 -18.32
O6 NAG C . -12.12 -1.11 -20.15
O7 NAG C . -6.34 0.25 -17.66
#